data_9J5H
#
_entry.id   9J5H
#
_entity_poly.entity_id   1
_entity_poly.type   'polypeptide(L)'
_entity_poly.pdbx_seq_one_letter_code
;SDEMWFCETLRRLLCPKSCSIEGGCPEVCSHMCPL
;
_entity_poly.pdbx_strand_id   A
#
# COMPACT_ATOMS: atom_id res chain seq x y z
N SER A 1 3.75 -2.02 -17.21
CA SER A 1 4.58 -2.52 -16.11
C SER A 1 5.22 -1.36 -15.33
N ASP A 2 5.39 -1.57 -14.02
CA ASP A 2 6.10 -0.63 -13.14
C ASP A 2 5.28 0.63 -12.85
N GLU A 3 4.16 0.79 -13.53
CA GLU A 3 3.32 1.96 -13.31
C GLU A 3 2.35 1.71 -12.16
N MET A 4 1.58 0.62 -12.27
CA MET A 4 0.64 0.27 -11.22
C MET A 4 1.43 -0.26 -10.05
N TRP A 5 2.56 -0.86 -10.41
CA TRP A 5 3.48 -1.41 -9.45
C TRP A 5 3.97 -0.31 -8.52
N PHE A 6 4.46 0.79 -9.12
CA PHE A 6 5.06 1.89 -8.37
C PHE A 6 4.18 2.33 -7.20
N CYS A 7 2.88 2.45 -7.44
CA CYS A 7 1.96 2.92 -6.41
C CYS A 7 1.87 1.88 -5.31
N GLU A 8 1.75 0.62 -5.73
CA GLU A 8 1.67 -0.49 -4.81
C GLU A 8 2.99 -0.74 -4.10
N THR A 9 4.10 -0.36 -4.73
CA THR A 9 5.40 -0.49 -4.09
C THR A 9 5.55 0.56 -3.01
N LEU A 10 5.05 1.76 -3.30
CA LEU A 10 4.99 2.82 -2.30
C LEU A 10 4.14 2.34 -1.13
N ARG A 11 3.07 1.62 -1.45
CA ARG A 11 2.23 1.01 -0.44
C ARG A 11 3.04 0.02 0.39
N ARG A 12 3.78 -0.86 -0.29
CA ARG A 12 4.56 -1.91 0.36
C ARG A 12 5.69 -1.36 1.22
N LEU A 13 6.18 -0.17 0.90
CA LEU A 13 7.29 0.42 1.64
C LEU A 13 6.81 1.30 2.79
N LEU A 14 5.74 2.06 2.58
CA LEU A 14 5.25 2.99 3.60
C LEU A 14 4.20 2.32 4.48
N CYS A 15 3.61 1.25 3.99
CA CYS A 15 2.60 0.53 4.71
C CYS A 15 3.09 -0.88 5.02
N PRO A 16 2.74 -1.40 6.21
CA PRO A 16 3.07 -2.76 6.60
C PRO A 16 2.35 -3.78 5.71
N LYS A 17 3.12 -4.73 5.17
CA LYS A 17 2.58 -5.74 4.28
C LYS A 17 1.52 -6.59 4.98
N SER A 18 1.57 -6.57 6.31
CA SER A 18 0.59 -7.26 7.13
C SER A 18 -0.83 -6.79 6.81
N CYS A 19 -0.94 -5.61 6.21
CA CYS A 19 -2.23 -5.03 5.85
C CYS A 19 -3.00 -5.94 4.90
N SER A 20 -2.27 -6.61 4.01
CA SER A 20 -2.88 -7.50 3.02
C SER A 20 -3.05 -8.91 3.59
N ILE A 21 -2.35 -9.18 4.69
CA ILE A 21 -2.33 -10.53 5.24
C ILE A 21 -3.30 -10.66 6.41
N GLU A 22 -3.09 -9.87 7.45
CA GLU A 22 -3.88 -9.95 8.66
C GLU A 22 -4.76 -8.71 8.84
N GLY A 23 -4.30 -7.60 8.30
CA GLY A 23 -4.99 -6.34 8.50
C GLY A 23 -4.29 -5.50 9.54
N GLY A 24 -5.07 -4.75 10.32
CA GLY A 24 -4.52 -3.93 11.38
C GLY A 24 -3.60 -2.84 10.85
N CYS A 25 -3.94 -2.29 9.70
CA CYS A 25 -3.13 -1.28 9.05
C CYS A 25 -3.83 0.08 9.08
N PRO A 26 -3.05 1.17 9.13
CA PRO A 26 -3.60 2.53 9.19
C PRO A 26 -4.25 2.93 7.87
N GLU A 27 -5.25 3.81 7.96
CA GLU A 27 -6.08 4.17 6.81
C GLU A 27 -5.28 4.84 5.70
N VAL A 28 -4.12 5.36 6.03
CA VAL A 28 -3.24 5.93 5.00
C VAL A 28 -2.85 4.87 3.98
N CYS A 29 -2.81 3.61 4.41
CA CYS A 29 -2.44 2.51 3.55
C CYS A 29 -3.51 2.28 2.48
N SER A 30 -4.74 2.65 2.81
CA SER A 30 -5.86 2.46 1.89
C SER A 30 -5.81 3.50 0.78
N HIS A 31 -5.53 4.74 1.15
CA HIS A 31 -5.49 5.83 0.19
C HIS A 31 -4.07 6.10 -0.29
N MET A 32 -3.21 5.07 -0.22
CA MET A 32 -1.87 5.16 -0.78
C MET A 32 -1.93 5.15 -2.30
N CYS A 33 -3.04 4.64 -2.82
CA CYS A 33 -3.31 4.70 -4.25
C CYS A 33 -4.65 5.39 -4.49
N PRO A 34 -4.67 6.73 -4.41
CA PRO A 34 -5.88 7.51 -4.62
C PRO A 34 -6.07 7.83 -6.10
N LEU A 35 -5.55 6.98 -6.95
CA LEU A 35 -5.59 7.19 -8.39
C LEU A 35 -6.59 6.22 -9.01
N SER A 1 6.25 7.95 -16.07
CA SER A 1 6.51 6.49 -16.06
C SER A 1 6.52 5.95 -14.64
N ASP A 2 6.60 4.63 -14.51
CA ASP A 2 6.66 3.97 -13.21
C ASP A 2 5.40 4.25 -12.40
N GLU A 3 4.26 4.04 -13.04
CA GLU A 3 2.98 4.33 -12.43
C GLU A 3 2.51 3.12 -11.65
N MET A 4 2.80 1.94 -12.17
CA MET A 4 2.49 0.70 -11.49
C MET A 4 3.47 0.57 -10.34
N TRP A 5 4.60 1.20 -10.53
CA TRP A 5 5.65 1.21 -9.54
C TRP A 5 5.22 2.02 -8.32
N PHE A 6 4.74 3.22 -8.56
CA PHE A 6 4.31 4.09 -7.49
C PHE A 6 2.96 3.67 -6.93
N CYS A 7 2.19 2.92 -7.70
CA CYS A 7 0.89 2.48 -7.26
C CYS A 7 1.02 1.21 -6.43
N GLU A 8 1.70 0.21 -6.98
CA GLU A 8 1.87 -1.06 -6.31
C GLU A 8 3.11 -1.09 -5.42
N THR A 9 4.29 -0.87 -6.03
CA THR A 9 5.56 -1.08 -5.36
C THR A 9 5.70 -0.26 -4.07
N LEU A 10 5.37 1.04 -4.12
CA LEU A 10 5.42 1.87 -2.91
C LEU A 10 4.62 1.24 -1.79
N ARG A 11 3.36 0.99 -2.08
CA ARG A 11 2.42 0.47 -1.09
C ARG A 11 2.91 -0.86 -0.51
N ARG A 12 3.54 -1.68 -1.34
CA ARG A 12 4.03 -2.98 -0.88
C ARG A 12 5.14 -2.83 0.15
N LEU A 13 5.85 -1.72 0.10
CA LEU A 13 6.88 -1.42 1.09
C LEU A 13 6.33 -0.56 2.23
N LEU A 14 5.34 0.28 1.92
CA LEU A 14 4.79 1.21 2.90
C LEU A 14 3.70 0.58 3.75
N CYS A 15 3.06 -0.47 3.26
CA CYS A 15 1.98 -1.11 3.98
C CYS A 15 2.52 -2.28 4.80
N PRO A 16 1.91 -2.55 5.96
CA PRO A 16 2.39 -3.57 6.87
C PRO A 16 1.82 -4.95 6.56
N LYS A 17 2.69 -5.95 6.55
CA LYS A 17 2.32 -7.33 6.27
C LYS A 17 1.32 -7.84 7.31
N SER A 18 1.37 -7.25 8.50
CA SER A 18 0.49 -7.65 9.59
C SER A 18 -0.97 -7.30 9.29
N CYS A 19 -1.18 -6.47 8.28
CA CYS A 19 -2.53 -6.04 7.92
C CYS A 19 -3.35 -7.22 7.41
N SER A 20 -2.69 -8.14 6.71
CA SER A 20 -3.35 -9.29 6.14
C SER A 20 -3.58 -10.37 7.20
N ILE A 21 -2.90 -10.23 8.34
CA ILE A 21 -2.99 -11.23 9.40
C ILE A 21 -3.90 -10.75 10.52
N GLU A 22 -3.52 -9.66 11.17
CA GLU A 22 -4.26 -9.14 12.31
C GLU A 22 -4.88 -7.78 12.02
N GLY A 23 -4.09 -6.92 11.37
CA GLY A 23 -4.54 -5.59 11.09
C GLY A 23 -3.46 -4.55 11.36
N GLY A 24 -3.87 -3.32 11.58
CA GLY A 24 -2.92 -2.26 11.82
C GLY A 24 -2.64 -1.50 10.56
N CYS A 25 -3.58 -1.62 9.63
CA CYS A 25 -3.47 -1.03 8.34
C CYS A 25 -3.64 0.49 8.39
N PRO A 26 -2.64 1.23 7.91
CA PRO A 26 -2.71 2.68 7.82
C PRO A 26 -3.68 3.08 6.71
N GLU A 27 -4.47 4.10 6.98
CA GLU A 27 -5.51 4.53 6.05
C GLU A 27 -4.88 5.07 4.78
N VAL A 28 -3.62 5.48 4.87
CA VAL A 28 -2.89 5.94 3.69
C VAL A 28 -2.63 4.78 2.73
N CYS A 29 -2.64 3.56 3.26
CA CYS A 29 -2.34 2.38 2.45
C CYS A 29 -3.44 2.14 1.41
N SER A 30 -4.66 2.52 1.75
CA SER A 30 -5.80 2.28 0.88
C SER A 30 -5.96 3.40 -0.15
N HIS A 31 -5.67 4.63 0.27
CA HIS A 31 -5.83 5.77 -0.61
C HIS A 31 -4.47 6.32 -1.08
N MET A 32 -3.47 5.45 -1.09
CA MET A 32 -2.14 5.86 -1.57
C MET A 32 -2.16 5.94 -3.08
N CYS A 33 -2.85 4.99 -3.70
CA CYS A 33 -3.04 4.98 -5.14
C CYS A 33 -4.53 5.04 -5.46
N PRO A 34 -5.10 6.25 -5.54
CA PRO A 34 -6.51 6.44 -5.86
C PRO A 34 -6.75 6.45 -7.36
N LEU A 35 -8.01 6.35 -7.76
CA LEU A 35 -8.38 6.39 -9.16
C LEU A 35 -8.68 7.82 -9.57
N SER A 1 7.59 2.30 -17.84
CA SER A 1 6.20 1.92 -17.53
C SER A 1 6.06 1.57 -16.05
N ASP A 2 6.45 2.50 -15.19
CA ASP A 2 6.44 2.24 -13.75
C ASP A 2 5.69 3.32 -12.99
N GLU A 3 4.78 3.99 -13.67
CA GLU A 3 4.05 5.09 -13.05
C GLU A 3 2.91 4.55 -12.20
N MET A 4 2.19 3.58 -12.74
CA MET A 4 1.13 2.91 -12.00
C MET A 4 1.79 2.00 -11.00
N TRP A 5 2.95 1.51 -11.42
CA TRP A 5 3.75 0.64 -10.62
C TRP A 5 4.20 1.34 -9.35
N PHE A 6 4.80 2.51 -9.51
CA PHE A 6 5.35 3.26 -8.38
C PHE A 6 4.31 3.43 -7.28
N CYS A 7 3.05 3.62 -7.65
CA CYS A 7 2.01 3.85 -6.68
C CYS A 7 1.65 2.56 -6.00
N GLU A 8 1.43 1.52 -6.79
CA GLU A 8 1.01 0.22 -6.27
C GLU A 8 2.13 -0.42 -5.45
N THR A 9 3.37 -0.18 -5.84
CA THR A 9 4.53 -0.69 -5.14
C THR A 9 4.66 -0.02 -3.76
N LEU A 10 4.50 1.31 -3.73
CA LEU A 10 4.57 2.04 -2.47
C LEU A 10 3.46 1.58 -1.54
N ARG A 11 2.29 1.32 -2.10
CA ARG A 11 1.15 0.84 -1.32
C ARG A 11 1.47 -0.47 -0.60
N ARG A 12 2.42 -1.23 -1.13
CA ARG A 12 2.83 -2.48 -0.52
C ARG A 12 3.95 -2.26 0.49
N LEU A 13 4.98 -1.51 0.10
CA LEU A 13 6.16 -1.31 0.94
C LEU A 13 5.89 -0.35 2.10
N LEU A 14 4.99 0.61 1.89
CA LEU A 14 4.62 1.56 2.93
C LEU A 14 3.45 1.02 3.75
N CYS A 15 3.19 -0.26 3.60
CA CYS A 15 2.13 -0.92 4.31
C CYS A 15 2.71 -2.09 5.11
N PRO A 16 2.17 -2.36 6.30
CA PRO A 16 2.71 -3.38 7.18
C PRO A 16 2.15 -4.77 6.87
N LYS A 17 3.05 -5.76 6.87
CA LYS A 17 2.68 -7.15 6.65
C LYS A 17 1.72 -7.61 7.73
N SER A 18 1.80 -6.98 8.89
CA SER A 18 0.91 -7.28 10.00
C SER A 18 -0.54 -7.04 9.60
N CYS A 19 -0.74 -6.12 8.66
CA CYS A 19 -2.07 -5.78 8.15
C CYS A 19 -2.64 -6.95 7.36
N SER A 20 -1.77 -7.61 6.60
CA SER A 20 -2.19 -8.72 5.77
C SER A 20 -2.48 -9.96 6.61
N ILE A 21 -1.83 -10.06 7.76
CA ILE A 21 -1.96 -11.21 8.62
C ILE A 21 -3.09 -11.04 9.63
N GLU A 22 -2.98 -10.02 10.47
CA GLU A 22 -3.95 -9.83 11.55
C GLU A 22 -4.74 -8.53 11.38
N GLY A 23 -4.06 -7.46 11.01
CA GLY A 23 -4.73 -6.18 10.86
C GLY A 23 -3.90 -5.04 11.40
N GLY A 24 -4.55 -3.91 11.67
CA GLY A 24 -3.85 -2.74 12.15
C GLY A 24 -3.45 -1.86 11.00
N CYS A 25 -4.24 -1.95 9.95
CA CYS A 25 -3.96 -1.31 8.71
C CYS A 25 -4.18 0.20 8.77
N PRO A 26 -3.13 0.98 8.43
CA PRO A 26 -3.26 2.42 8.24
C PRO A 26 -3.94 2.71 6.91
N GLU A 27 -4.89 3.63 6.93
CA GLU A 27 -5.72 3.92 5.75
C GLU A 27 -4.88 4.45 4.59
N VAL A 28 -3.69 4.98 4.89
CA VAL A 28 -2.78 5.45 3.86
C VAL A 28 -2.32 4.28 2.98
N CYS A 29 -2.40 3.07 3.53
CA CYS A 29 -2.05 1.86 2.78
C CYS A 29 -2.96 1.69 1.57
N SER A 30 -4.17 2.21 1.68
CA SER A 30 -5.14 2.09 0.62
C SER A 30 -5.15 3.32 -0.28
N HIS A 31 -5.14 4.51 0.35
CA HIS A 31 -5.25 5.75 -0.42
C HIS A 31 -3.91 6.47 -0.55
N MET A 32 -2.82 5.72 -0.65
CA MET A 32 -1.50 6.34 -0.86
C MET A 32 -1.44 6.94 -2.26
N CYS A 33 -1.81 6.13 -3.24
CA CYS A 33 -1.90 6.58 -4.62
C CYS A 33 -2.83 5.64 -5.39
N PRO A 34 -4.06 6.09 -5.68
CA PRO A 34 -5.05 5.29 -6.38
C PRO A 34 -5.05 5.51 -7.89
N LEU A 35 -3.93 5.96 -8.42
CA LEU A 35 -3.82 6.24 -9.84
C LEU A 35 -3.15 5.06 -10.54
N SER A 1 7.43 1.98 -17.99
CA SER A 1 7.03 3.19 -17.23
C SER A 1 6.69 2.82 -15.78
N ASP A 2 5.69 1.95 -15.62
CA ASP A 2 5.31 1.42 -14.31
C ASP A 2 5.01 2.56 -13.33
N GLU A 3 4.00 3.35 -13.65
CA GLU A 3 3.70 4.53 -12.85
C GLU A 3 2.67 4.23 -11.78
N MET A 4 1.59 3.54 -12.17
CA MET A 4 0.56 3.17 -11.21
C MET A 4 1.11 2.07 -10.35
N TRP A 5 2.07 1.36 -10.92
CA TRP A 5 2.79 0.32 -10.24
C TRP A 5 3.68 0.92 -9.18
N PHE A 6 4.55 1.83 -9.60
CA PHE A 6 5.60 2.38 -8.74
C PHE A 6 5.04 2.91 -7.42
N CYS A 7 3.93 3.64 -7.48
CA CYS A 7 3.36 4.23 -6.28
C CYS A 7 2.86 3.11 -5.37
N GLU A 8 2.07 2.21 -5.93
CA GLU A 8 1.54 1.08 -5.19
C GLU A 8 2.66 0.24 -4.60
N THR A 9 3.63 -0.10 -5.43
CA THR A 9 4.74 -0.93 -5.02
C THR A 9 5.46 -0.32 -3.83
N LEU A 10 5.74 0.99 -3.89
CA LEU A 10 6.35 1.68 -2.78
C LEU A 10 5.44 1.64 -1.56
N ARG A 11 4.17 2.00 -1.78
CA ARG A 11 3.21 2.08 -0.68
C ARG A 11 2.96 0.72 -0.04
N ARG A 12 3.06 -0.35 -0.83
CA ARG A 12 2.89 -1.70 -0.32
C ARG A 12 4.08 -2.08 0.56
N LEU A 13 5.28 -1.69 0.13
CA LEU A 13 6.47 -1.88 0.94
C LEU A 13 6.45 -1.00 2.19
N LEU A 14 5.82 0.17 2.08
CA LEU A 14 5.68 1.07 3.20
C LEU A 14 4.51 0.65 4.09
N CYS A 15 3.74 -0.33 3.63
CA CYS A 15 2.59 -0.81 4.35
C CYS A 15 2.98 -2.04 5.15
N PRO A 16 2.71 -2.03 6.46
CA PRO A 16 3.11 -3.12 7.37
C PRO A 16 2.49 -4.45 6.97
N LYS A 17 3.31 -5.50 7.05
CA LYS A 17 2.89 -6.86 6.67
C LYS A 17 1.73 -7.33 7.54
N SER A 18 1.62 -6.75 8.73
CA SER A 18 0.54 -7.05 9.65
C SER A 18 -0.82 -6.73 9.02
N CYS A 19 -0.80 -5.83 8.03
CA CYS A 19 -2.01 -5.43 7.34
C CYS A 19 -2.67 -6.61 6.64
N SER A 20 -1.86 -7.49 6.07
CA SER A 20 -2.37 -8.60 5.29
C SER A 20 -2.80 -9.77 6.17
N ILE A 21 -2.19 -9.90 7.33
CA ILE A 21 -2.47 -11.03 8.21
C ILE A 21 -3.39 -10.64 9.37
N GLU A 22 -2.94 -9.69 10.20
CA GLU A 22 -3.66 -9.32 11.40
C GLU A 22 -4.75 -8.30 11.10
N GLY A 23 -4.45 -7.38 10.19
CA GLY A 23 -5.37 -6.32 9.86
C GLY A 23 -4.93 -5.01 10.47
N GLY A 24 -5.86 -4.09 10.66
CA GLY A 24 -5.53 -2.80 11.26
C GLY A 24 -4.63 -1.99 10.36
N CYS A 25 -4.90 -2.01 9.07
CA CYS A 25 -4.08 -1.29 8.10
C CYS A 25 -4.25 0.20 8.25
N PRO A 26 -3.20 0.97 7.93
CA PRO A 26 -3.22 2.41 8.01
C PRO A 26 -3.91 3.00 6.79
N GLU A 27 -4.56 4.15 6.98
CA GLU A 27 -5.35 4.79 5.93
C GLU A 27 -4.52 5.04 4.68
N VAL A 28 -3.23 5.32 4.86
CA VAL A 28 -2.34 5.57 3.73
C VAL A 28 -2.15 4.32 2.88
N CYS A 29 -2.40 3.16 3.48
CA CYS A 29 -2.29 1.89 2.77
C CYS A 29 -3.60 1.61 2.06
N SER A 30 -4.67 2.25 2.53
CA SER A 30 -5.98 2.10 1.92
C SER A 30 -6.09 3.00 0.70
N HIS A 31 -5.62 4.24 0.87
CA HIS A 31 -5.59 5.20 -0.22
C HIS A 31 -4.17 5.36 -0.75
N MET A 32 -3.47 4.25 -0.89
CA MET A 32 -2.09 4.27 -1.35
C MET A 32 -1.99 4.90 -2.74
N CYS A 33 -2.85 4.45 -3.64
CA CYS A 33 -2.94 5.02 -4.96
C CYS A 33 -4.40 5.04 -5.41
N PRO A 34 -5.15 6.09 -5.03
CA PRO A 34 -6.57 6.19 -5.33
C PRO A 34 -6.84 6.56 -6.78
N LEU A 35 -8.03 6.23 -7.25
CA LEU A 35 -8.43 6.54 -8.61
C LEU A 35 -9.44 7.67 -8.60
N SER A 1 7.27 -1.13 -17.04
CA SER A 1 6.05 -1.32 -16.23
C SER A 1 6.22 -0.74 -14.83
N ASP A 2 6.83 0.44 -14.75
CA ASP A 2 7.09 1.08 -13.46
C ASP A 2 5.86 1.83 -12.97
N GLU A 3 4.79 1.78 -13.76
CA GLU A 3 3.57 2.48 -13.42
C GLU A 3 2.68 1.60 -12.56
N MET A 4 2.60 0.32 -12.91
CA MET A 4 1.86 -0.64 -12.12
C MET A 4 2.67 -0.90 -10.87
N TRP A 5 3.97 -0.77 -11.06
CA TRP A 5 4.91 -0.91 -9.99
C TRP A 5 4.74 0.20 -8.98
N PHE A 6 4.68 1.44 -9.49
CA PHE A 6 4.60 2.63 -8.65
C PHE A 6 3.55 2.49 -7.54
N CYS A 7 2.38 1.98 -7.88
CA CYS A 7 1.32 1.82 -6.91
C CYS A 7 1.72 0.76 -5.91
N GLU A 8 2.22 -0.36 -6.41
CA GLU A 8 2.64 -1.47 -5.57
C GLU A 8 3.80 -1.07 -4.68
N THR A 9 4.67 -0.19 -5.15
CA THR A 9 5.77 0.30 -4.35
C THR A 9 5.21 1.12 -3.20
N LEU A 10 4.28 2.02 -3.53
CA LEU A 10 3.61 2.83 -2.51
C LEU A 10 2.90 1.92 -1.52
N ARG A 11 2.22 0.90 -2.05
CA ARG A 11 1.50 -0.06 -1.21
C ARG A 11 2.42 -0.74 -0.20
N ARG A 12 3.66 -0.93 -0.59
CA ARG A 12 4.62 -1.64 0.26
C ARG A 12 5.32 -0.69 1.24
N LEU A 13 5.58 0.53 0.80
CA LEU A 13 6.25 1.51 1.67
C LEU A 13 5.26 2.20 2.60
N LEU A 14 4.07 2.49 2.10
CA LEU A 14 3.07 3.23 2.87
C LEU A 14 2.23 2.29 3.72
N CYS A 15 2.10 1.05 3.30
CA CYS A 15 1.27 0.09 4.00
C CYS A 15 2.09 -1.15 4.37
N PRO A 16 1.80 -1.77 5.52
CA PRO A 16 2.51 -2.96 5.97
C PRO A 16 1.88 -4.22 5.40
N LYS A 17 2.72 -5.16 5.00
CA LYS A 17 2.26 -6.39 4.36
C LYS A 17 1.47 -7.26 5.33
N SER A 18 1.66 -6.99 6.62
CA SER A 18 0.96 -7.72 7.66
C SER A 18 -0.54 -7.44 7.61
N CYS A 19 -0.89 -6.34 6.97
CA CYS A 19 -2.28 -5.88 6.87
C CYS A 19 -3.16 -6.92 6.16
N SER A 20 -2.58 -7.60 5.18
CA SER A 20 -3.34 -8.55 4.37
C SER A 20 -3.57 -9.86 5.12
N ILE A 21 -2.69 -10.19 6.04
CA ILE A 21 -2.73 -11.47 6.72
C ILE A 21 -3.33 -11.36 8.12
N GLU A 22 -2.70 -10.55 8.96
CA GLU A 22 -3.13 -10.43 10.35
C GLU A 22 -3.84 -9.10 10.59
N GLY A 23 -3.36 -8.04 9.97
CA GLY A 23 -3.95 -6.73 10.15
C GLY A 23 -2.92 -5.69 10.50
N GLY A 24 -3.38 -4.56 11.00
CA GLY A 24 -2.48 -3.49 11.38
C GLY A 24 -2.48 -2.41 10.33
N CYS A 25 -3.55 -2.38 9.56
CA CYS A 25 -3.70 -1.46 8.47
C CYS A 25 -3.93 -0.03 8.96
N PRO A 26 -3.01 0.89 8.62
CA PRO A 26 -3.14 2.29 8.98
C PRO A 26 -4.09 3.00 8.03
N GLU A 27 -4.65 4.12 8.49
CA GLU A 27 -5.64 4.86 7.73
C GLU A 27 -5.06 5.36 6.40
N VAL A 28 -3.77 5.65 6.40
CA VAL A 28 -3.11 6.14 5.19
C VAL A 28 -3.00 5.05 4.12
N CYS A 29 -3.19 3.81 4.52
CA CYS A 29 -3.05 2.67 3.60
C CYS A 29 -4.16 2.66 2.57
N SER A 30 -5.20 3.45 2.80
CA SER A 30 -6.30 3.56 1.85
C SER A 30 -5.89 4.42 0.66
N HIS A 31 -5.27 5.57 0.95
CA HIS A 31 -4.85 6.49 -0.08
C HIS A 31 -3.38 6.31 -0.43
N MET A 32 -2.91 5.07 -0.36
CA MET A 32 -1.52 4.76 -0.69
C MET A 32 -1.29 5.05 -2.17
N CYS A 33 -2.30 4.71 -2.97
CA CYS A 33 -2.32 5.04 -4.38
C CYS A 33 -3.50 5.95 -4.66
N PRO A 34 -3.31 7.28 -4.51
CA PRO A 34 -4.39 8.25 -4.70
C PRO A 34 -4.62 8.56 -6.18
N LEU A 35 -4.76 7.51 -6.97
CA LEU A 35 -4.97 7.63 -8.40
C LEU A 35 -5.82 6.47 -8.88
N SER A 1 8.51 3.51 -16.99
CA SER A 1 7.15 3.83 -16.51
C SER A 1 6.90 3.17 -15.15
N ASP A 2 6.76 1.85 -15.16
CA ASP A 2 6.50 1.09 -13.93
C ASP A 2 5.28 1.63 -13.21
N GLU A 3 4.16 1.65 -13.93
CA GLU A 3 2.94 2.29 -13.44
C GLU A 3 2.13 1.33 -12.59
N MET A 4 2.06 0.08 -13.03
CA MET A 4 1.37 -0.95 -12.28
C MET A 4 2.24 -1.28 -11.07
N TRP A 5 3.53 -1.07 -11.29
CA TRP A 5 4.53 -1.31 -10.30
C TRP A 5 4.43 -0.31 -9.17
N PHE A 6 4.54 0.97 -9.51
CA PHE A 6 4.67 2.06 -8.54
C PHE A 6 3.58 2.02 -7.47
N CYS A 7 2.38 1.61 -7.85
CA CYS A 7 1.27 1.55 -6.93
C CYS A 7 1.56 0.49 -5.88
N GLU A 8 1.88 -0.70 -6.35
CA GLU A 8 2.23 -1.82 -5.49
C GLU A 8 3.52 -1.53 -4.73
N THR A 9 4.43 -0.80 -5.36
CA THR A 9 5.68 -0.43 -4.72
C THR A 9 5.40 0.46 -3.52
N LEU A 10 4.58 1.49 -3.73
CA LEU A 10 4.17 2.35 -2.63
C LEU A 10 3.42 1.54 -1.58
N ARG A 11 2.56 0.66 -2.06
CA ARG A 11 1.80 -0.23 -1.17
C ARG A 11 2.74 -0.97 -0.21
N ARG A 12 3.74 -1.62 -0.79
CA ARG A 12 4.64 -2.48 -0.03
C ARG A 12 5.52 -1.71 0.94
N LEU A 13 6.00 -0.54 0.55
CA LEU A 13 6.92 0.21 1.39
C LEU A 13 6.19 1.14 2.36
N LEU A 14 5.10 1.74 1.92
CA LEU A 14 4.41 2.74 2.72
C LEU A 14 3.42 2.11 3.68
N CYS A 15 2.91 0.93 3.33
CA CYS A 15 1.92 0.27 4.16
C CYS A 15 2.51 -0.99 4.76
N PRO A 16 2.37 -1.18 6.08
CA PRO A 16 2.91 -2.34 6.79
C PRO A 16 2.36 -3.65 6.22
N LYS A 17 3.27 -4.60 5.98
CA LYS A 17 2.92 -5.88 5.39
C LYS A 17 1.92 -6.65 6.25
N SER A 18 1.88 -6.33 7.54
CA SER A 18 0.90 -6.91 8.44
C SER A 18 -0.52 -6.63 7.95
N CYS A 19 -0.66 -5.59 7.15
CA CYS A 19 -1.96 -5.19 6.61
C CYS A 19 -2.43 -6.20 5.57
N SER A 20 -1.51 -6.69 4.76
CA SER A 20 -1.84 -7.63 3.71
C SER A 20 -1.94 -9.05 4.27
N ILE A 21 -1.22 -9.30 5.34
CA ILE A 21 -1.20 -10.63 5.95
C ILE A 21 -2.37 -10.81 6.91
N GLU A 22 -2.47 -9.93 7.89
CA GLU A 22 -3.45 -10.09 8.96
C GLU A 22 -4.53 -9.01 8.89
N GLY A 23 -4.11 -7.78 8.61
CA GLY A 23 -5.03 -6.67 8.60
C GLY A 23 -4.55 -5.56 9.52
N GLY A 24 -5.47 -4.86 10.16
CA GLY A 24 -5.09 -3.79 11.07
C GLY A 24 -4.36 -2.68 10.36
N CYS A 25 -4.83 -2.34 9.17
CA CYS A 25 -4.17 -1.35 8.34
C CYS A 25 -4.40 0.05 8.87
N PRO A 26 -3.43 0.94 8.65
CA PRO A 26 -3.49 2.32 9.13
C PRO A 26 -4.33 3.19 8.20
N GLU A 27 -4.85 4.28 8.73
CA GLU A 27 -5.79 5.15 8.02
C GLU A 27 -5.14 5.86 6.85
N VAL A 28 -3.82 5.83 6.78
CA VAL A 28 -3.10 6.39 5.64
C VAL A 28 -3.04 5.39 4.49
N CYS A 29 -3.19 4.11 4.82
CA CYS A 29 -3.05 3.05 3.83
C CYS A 29 -4.27 3.00 2.91
N SER A 30 -5.32 3.72 3.30
CA SER A 30 -6.51 3.83 2.48
C SER A 30 -6.17 4.53 1.17
N HIS A 31 -5.45 5.64 1.30
CA HIS A 31 -5.01 6.42 0.16
C HIS A 31 -3.53 6.15 -0.12
N MET A 32 -3.10 4.93 0.12
CA MET A 32 -1.72 4.54 -0.10
C MET A 32 -1.41 4.58 -1.59
N CYS A 33 -2.39 4.18 -2.36
CA CYS A 33 -2.32 4.25 -3.81
C CYS A 33 -3.52 5.05 -4.31
N PRO A 34 -3.39 6.39 -4.34
CA PRO A 34 -4.49 7.28 -4.68
C PRO A 34 -4.69 7.42 -6.19
N LEU A 35 -5.90 7.84 -6.56
CA LEU A 35 -6.22 8.08 -7.96
C LEU A 35 -6.74 9.49 -8.12
N SER A 1 7.52 5.93 -16.43
CA SER A 1 6.11 5.82 -16.01
C SER A 1 6.02 5.22 -14.61
N ASP A 2 6.37 3.93 -14.47
CA ASP A 2 6.30 3.23 -13.18
C ASP A 2 4.91 3.40 -12.57
N GLU A 3 3.90 3.19 -13.41
CA GLU A 3 2.52 3.48 -13.02
C GLU A 3 2.00 2.43 -12.05
N MET A 4 2.08 1.18 -12.47
CA MET A 4 1.65 0.07 -11.64
C MET A 4 2.67 -0.11 -10.54
N TRP A 5 3.88 0.28 -10.86
CA TRP A 5 5.01 0.17 -9.96
C TRP A 5 4.77 0.96 -8.69
N PHE A 6 4.32 2.20 -8.84
CA PHE A 6 4.06 3.05 -7.70
C PHE A 6 2.82 2.60 -6.94
N CYS A 7 1.95 1.84 -7.58
CA CYS A 7 0.76 1.36 -6.92
C CYS A 7 1.10 0.13 -6.09
N GLU A 8 1.98 -0.68 -6.62
CA GLU A 8 2.33 -1.93 -5.97
C GLU A 8 3.46 -1.73 -4.95
N THR A 9 4.53 -1.05 -5.35
CA THR A 9 5.72 -0.94 -4.55
C THR A 9 5.54 0.00 -3.36
N LEU A 10 4.94 1.17 -3.58
CA LEU A 10 4.74 2.12 -2.49
C LEU A 10 3.87 1.49 -1.42
N ARG A 11 2.89 0.73 -1.84
CA ARG A 11 2.00 0.05 -0.91
C ARG A 11 2.73 -1.07 -0.17
N ARG A 12 3.86 -1.50 -0.69
CA ARG A 12 4.66 -2.52 -0.02
C ARG A 12 5.61 -1.90 0.99
N LEU A 13 6.21 -0.77 0.62
CA LEU A 13 7.21 -0.10 1.45
C LEU A 13 6.57 0.84 2.47
N LEU A 14 5.53 1.54 2.05
CA LEU A 14 4.88 2.55 2.89
C LEU A 14 3.77 1.92 3.72
N CYS A 15 3.25 0.80 3.27
CA CYS A 15 2.15 0.13 3.93
C CYS A 15 2.55 -1.29 4.30
N PRO A 16 2.27 -1.70 5.55
CA PRO A 16 2.61 -3.04 6.03
C PRO A 16 1.74 -4.12 5.40
N LYS A 17 2.36 -5.20 4.95
CA LYS A 17 1.63 -6.32 4.38
C LYS A 17 0.96 -7.13 5.48
N SER A 18 1.37 -6.88 6.72
CA SER A 18 0.78 -7.51 7.88
C SER A 18 -0.72 -7.18 7.99
N CYS A 19 -1.16 -6.15 7.26
CA CYS A 19 -2.57 -5.79 7.21
C CYS A 19 -3.41 -6.94 6.68
N SER A 20 -2.86 -7.64 5.69
CA SER A 20 -3.57 -8.73 5.05
C SER A 20 -3.38 -10.04 5.82
N ILE A 21 -2.46 -10.02 6.78
CA ILE A 21 -2.18 -11.22 7.57
C ILE A 21 -2.90 -11.15 8.92
N GLU A 22 -2.70 -10.05 9.63
CA GLU A 22 -3.29 -9.88 10.96
C GLU A 22 -4.31 -8.75 10.95
N GLY A 23 -3.98 -7.65 10.30
CA GLY A 23 -4.85 -6.49 10.29
C GLY A 23 -4.23 -5.32 11.03
N GLY A 24 -5.05 -4.33 11.35
CA GLY A 24 -4.56 -3.17 12.10
C GLY A 24 -3.86 -2.19 11.20
N CYS A 25 -4.40 -2.00 10.00
CA CYS A 25 -3.76 -1.19 8.98
C CYS A 25 -3.99 0.31 9.25
N PRO A 26 -3.03 1.16 8.84
CA PRO A 26 -3.17 2.61 8.91
C PRO A 26 -3.99 3.13 7.74
N GLU A 27 -4.84 4.11 8.00
CA GLU A 27 -5.79 4.59 7.00
C GLU A 27 -5.09 5.25 5.81
N VAL A 28 -3.85 5.69 6.03
CA VAL A 28 -3.07 6.30 4.96
C VAL A 28 -2.76 5.30 3.85
N CYS A 29 -2.84 4.02 4.17
CA CYS A 29 -2.52 2.96 3.23
C CYS A 29 -3.50 2.98 2.05
N SER A 30 -4.65 3.59 2.24
CA SER A 30 -5.68 3.61 1.21
C SER A 30 -5.41 4.68 0.16
N HIS A 31 -4.60 5.69 0.48
CA HIS A 31 -4.29 6.73 -0.48
C HIS A 31 -2.91 6.54 -1.10
N MET A 32 -2.45 5.29 -1.09
CA MET A 32 -1.13 4.97 -1.65
C MET A 32 -1.25 4.59 -3.13
N CYS A 33 -2.46 4.26 -3.54
CA CYS A 33 -2.74 3.95 -4.94
C CYS A 33 -4.12 4.49 -5.33
N PRO A 34 -4.19 5.78 -5.69
CA PRO A 34 -5.45 6.42 -6.09
C PRO A 34 -5.75 6.26 -7.58
N LEU A 35 -5.27 5.17 -8.16
CA LEU A 35 -5.49 4.91 -9.58
C LEU A 35 -6.30 3.63 -9.78
N SER A 1 5.83 2.84 -17.95
CA SER A 1 5.87 1.39 -17.65
C SER A 1 5.50 1.12 -16.19
N ASP A 2 6.04 1.94 -15.30
CA ASP A 2 5.91 1.70 -13.87
C ASP A 2 5.19 2.85 -13.18
N GLU A 3 4.16 3.37 -13.83
CA GLU A 3 3.43 4.52 -13.29
C GLU A 3 2.51 4.07 -12.16
N MET A 4 1.68 3.08 -12.46
CA MET A 4 0.75 2.54 -11.48
C MET A 4 1.53 1.66 -10.55
N TRP A 5 2.62 1.15 -11.08
CA TRP A 5 3.51 0.31 -10.34
C TRP A 5 4.13 1.09 -9.19
N PHE A 6 4.81 2.17 -9.53
CA PHE A 6 5.59 2.94 -8.57
C PHE A 6 4.79 3.29 -7.32
N CYS A 7 3.56 3.75 -7.50
CA CYS A 7 2.75 4.15 -6.36
C CYS A 7 2.38 2.93 -5.54
N GLU A 8 1.97 1.87 -6.23
CA GLU A 8 1.61 0.60 -5.59
C GLU A 8 2.82 -0.03 -4.90
N THR A 9 3.99 0.12 -5.50
CA THR A 9 5.22 -0.40 -4.92
C THR A 9 5.50 0.31 -3.61
N LEU A 10 5.37 1.62 -3.62
CA LEU A 10 5.51 2.42 -2.40
C LEU A 10 4.43 2.03 -1.41
N ARG A 11 3.23 1.79 -1.92
CA ARG A 11 2.11 1.34 -1.09
C ARG A 11 2.49 0.10 -0.29
N ARG A 12 2.96 -0.93 -0.99
CA ARG A 12 3.25 -2.20 -0.35
C ARG A 12 4.45 -2.08 0.57
N LEU A 13 5.45 -1.34 0.14
CA LEU A 13 6.68 -1.13 0.91
C LEU A 13 6.40 -0.36 2.20
N LEU A 14 5.49 0.61 2.14
CA LEU A 14 5.16 1.43 3.29
C LEU A 14 4.00 0.83 4.08
N CYS A 15 3.46 -0.27 3.59
CA CYS A 15 2.33 -0.91 4.24
C CYS A 15 2.81 -2.14 5.01
N PRO A 16 2.21 -2.42 6.17
CA PRO A 16 2.62 -3.53 7.02
C PRO A 16 1.94 -4.84 6.63
N LYS A 17 2.74 -5.89 6.46
CA LYS A 17 2.23 -7.20 6.09
C LYS A 17 1.40 -7.80 7.21
N SER A 18 1.55 -7.24 8.41
CA SER A 18 0.82 -7.72 9.56
C SER A 18 -0.69 -7.53 9.35
N CYS A 19 -1.03 -6.62 8.44
CA CYS A 19 -2.43 -6.33 8.18
C CYS A 19 -3.07 -7.45 7.37
N SER A 20 -2.25 -8.19 6.63
CA SER A 20 -2.73 -9.35 5.90
C SER A 20 -3.04 -10.49 6.87
N ILE A 21 -2.40 -10.46 8.02
CA ILE A 21 -2.53 -11.52 9.01
C ILE A 21 -3.59 -11.17 10.05
N GLU A 22 -3.37 -10.08 10.77
CA GLU A 22 -4.28 -9.69 11.85
C GLU A 22 -4.99 -8.37 11.54
N GLY A 23 -4.41 -7.59 10.64
CA GLY A 23 -5.00 -6.31 10.29
C GLY A 23 -4.30 -5.16 10.97
N GLY A 24 -4.96 -4.01 11.04
CA GLY A 24 -4.41 -2.88 11.76
C GLY A 24 -3.50 -2.00 10.93
N CYS A 25 -3.74 -1.95 9.62
CA CYS A 25 -2.98 -1.07 8.76
C CYS A 25 -3.72 0.25 8.55
N PRO A 26 -3.00 1.36 8.42
CA PRO A 26 -3.62 2.67 8.24
C PRO A 26 -4.14 2.85 6.82
N GLU A 27 -5.22 3.61 6.70
CA GLU A 27 -5.94 3.77 5.44
C GLU A 27 -5.08 4.48 4.39
N VAL A 28 -3.97 5.06 4.82
CA VAL A 28 -3.02 5.66 3.90
C VAL A 28 -2.45 4.58 2.96
N CYS A 29 -2.47 3.34 3.43
CA CYS A 29 -2.01 2.20 2.65
C CYS A 29 -2.94 1.98 1.45
N SER A 30 -4.19 2.44 1.58
CA SER A 30 -5.17 2.25 0.53
C SER A 30 -5.26 3.48 -0.38
N HIS A 31 -5.35 4.66 0.22
CA HIS A 31 -5.57 5.88 -0.56
C HIS A 31 -4.27 6.59 -0.90
N MET A 32 -3.17 5.86 -0.91
CA MET A 32 -1.90 6.42 -1.33
C MET A 32 -1.89 6.56 -2.84
N CYS A 33 -2.51 5.61 -3.52
CA CYS A 33 -2.61 5.63 -4.97
C CYS A 33 -4.04 5.31 -5.39
N PRO A 34 -4.95 6.29 -5.28
CA PRO A 34 -6.36 6.12 -5.65
C PRO A 34 -6.61 6.45 -7.11
N LEU A 35 -5.54 6.46 -7.90
CA LEU A 35 -5.65 6.76 -9.32
C LEU A 35 -5.52 5.48 -10.13
N SER A 1 6.54 1.12 -17.02
CA SER A 1 6.09 0.15 -16.00
C SER A 1 6.09 0.74 -14.59
N ASP A 2 6.61 1.97 -14.46
CA ASP A 2 6.81 2.56 -13.14
C ASP A 2 5.57 3.27 -12.61
N GLU A 3 4.53 3.35 -13.43
CA GLU A 3 3.32 4.07 -13.04
C GLU A 3 2.51 3.26 -12.03
N MET A 4 2.18 2.02 -12.39
CA MET A 4 1.48 1.14 -11.47
C MET A 4 2.42 0.77 -10.36
N TRP A 5 3.69 0.76 -10.72
CA TRP A 5 4.77 0.38 -9.84
C TRP A 5 4.79 1.28 -8.61
N PHE A 6 4.90 2.58 -8.83
CA PHE A 6 5.02 3.53 -7.72
C PHE A 6 3.72 3.66 -6.92
N CYS A 7 2.61 3.26 -7.49
CA CYS A 7 1.36 3.31 -6.78
C CYS A 7 1.18 2.03 -5.95
N GLU A 8 1.59 0.90 -6.51
CA GLU A 8 1.42 -0.38 -5.85
C GLU A 8 2.61 -0.74 -4.95
N THR A 9 3.83 -0.57 -5.45
CA THR A 9 5.02 -1.03 -4.73
C THR A 9 5.25 -0.19 -3.47
N LEU A 10 4.98 1.10 -3.53
CA LEU A 10 5.15 1.96 -2.37
C LEU A 10 4.18 1.53 -1.28
N ARG A 11 2.99 1.13 -1.71
CA ARG A 11 2.00 0.60 -0.79
C ARG A 11 2.56 -0.61 -0.04
N ARG A 12 3.17 -1.52 -0.79
CA ARG A 12 3.69 -2.74 -0.21
C ARG A 12 4.86 -2.47 0.74
N LEU A 13 5.68 -1.48 0.40
CA LEU A 13 6.85 -1.16 1.21
C LEU A 13 6.50 -0.28 2.42
N LEU A 14 5.59 0.67 2.23
CA LEU A 14 5.25 1.61 3.29
C LEU A 14 4.16 1.06 4.19
N CYS A 15 3.34 0.17 3.65
CA CYS A 15 2.25 -0.42 4.42
C CYS A 15 2.65 -1.81 4.88
N PRO A 16 2.43 -2.10 6.16
CA PRO A 16 2.86 -3.37 6.76
C PRO A 16 2.20 -4.58 6.12
N LYS A 17 3.01 -5.59 5.82
CA LYS A 17 2.54 -6.84 5.23
C LYS A 17 1.55 -7.54 6.16
N SER A 18 1.62 -7.20 7.44
CA SER A 18 0.72 -7.73 8.44
C SER A 18 -0.71 -7.21 8.22
N CYS A 19 -0.86 -6.23 7.33
CA CYS A 19 -2.18 -5.67 7.02
C CYS A 19 -3.09 -6.74 6.44
N SER A 20 -2.51 -7.63 5.65
CA SER A 20 -3.27 -8.70 5.01
C SER A 20 -3.53 -9.85 5.99
N ILE A 21 -2.79 -9.88 7.08
CA ILE A 21 -2.87 -10.97 8.03
C ILE A 21 -3.76 -10.61 9.22
N GLU A 22 -3.35 -9.59 9.95
CA GLU A 22 -4.05 -9.20 11.16
C GLU A 22 -4.67 -7.80 11.01
N GLY A 23 -4.03 -6.97 10.20
CA GLY A 23 -4.45 -5.60 10.07
C GLY A 23 -3.42 -4.67 10.68
N GLY A 24 -3.89 -3.60 11.31
CA GLY A 24 -2.97 -2.66 11.94
C GLY A 24 -2.36 -1.71 10.93
N CYS A 25 -3.03 -1.59 9.79
CA CYS A 25 -2.57 -0.72 8.73
C CYS A 25 -3.45 0.52 8.65
N PRO A 26 -2.81 1.69 8.51
CA PRO A 26 -3.51 2.97 8.45
C PRO A 26 -4.31 3.12 7.16
N GLU A 27 -5.27 4.03 7.18
CA GLU A 27 -6.21 4.20 6.08
C GLU A 27 -5.50 4.69 4.82
N VAL A 28 -4.31 5.24 4.98
CA VAL A 28 -3.53 5.69 3.84
C VAL A 28 -2.98 4.50 3.05
N CYS A 29 -2.93 3.33 3.69
CA CYS A 29 -2.44 2.12 3.06
C CYS A 29 -3.33 1.71 1.89
N SER A 30 -4.60 2.12 1.95
CA SER A 30 -5.55 1.76 0.92
C SER A 30 -5.67 2.87 -0.13
N HIS A 31 -5.72 4.12 0.32
CA HIS A 31 -5.86 5.24 -0.60
C HIS A 31 -4.53 5.97 -0.81
N MET A 32 -3.46 5.20 -0.94
CA MET A 32 -2.14 5.79 -1.18
C MET A 32 -2.10 6.37 -2.59
N CYS A 33 -2.53 5.59 -3.55
CA CYS A 33 -2.64 6.05 -4.93
C CYS A 33 -3.99 5.62 -5.52
N PRO A 34 -5.08 6.27 -5.09
CA PRO A 34 -6.43 5.93 -5.54
C PRO A 34 -6.77 6.51 -6.90
N LEU A 35 -6.01 7.52 -7.31
CA LEU A 35 -6.23 8.19 -8.58
C LEU A 35 -4.94 8.22 -9.39
N SER A 1 6.50 0.79 -17.60
CA SER A 1 5.42 0.11 -16.85
C SER A 1 5.71 0.12 -15.35
N ASP A 2 6.10 1.27 -14.83
CA ASP A 2 6.40 1.41 -13.42
C ASP A 2 5.55 2.50 -12.78
N GLU A 3 4.63 3.06 -13.57
CA GLU A 3 3.84 4.20 -13.12
C GLU A 3 2.78 3.73 -12.13
N MET A 4 2.04 2.71 -12.50
CA MET A 4 1.06 2.13 -11.60
C MET A 4 1.78 1.29 -10.58
N TRP A 5 2.93 0.79 -11.00
CA TRP A 5 3.74 -0.07 -10.18
C TRP A 5 4.22 0.65 -8.93
N PHE A 6 4.89 1.79 -9.11
CA PHE A 6 5.41 2.54 -7.99
C PHE A 6 4.29 3.14 -7.13
N CYS A 7 3.12 3.31 -7.73
CA CYS A 7 1.97 3.84 -7.01
C CYS A 7 1.44 2.78 -6.05
N GLU A 8 1.51 1.53 -6.48
CA GLU A 8 1.07 0.42 -5.66
C GLU A 8 2.20 -0.08 -4.77
N THR A 9 3.28 -0.55 -5.39
CA THR A 9 4.33 -1.28 -4.73
C THR A 9 5.05 -0.48 -3.65
N LEU A 10 5.50 0.74 -3.97
CA LEU A 10 6.20 1.58 -3.00
C LEU A 10 5.32 1.80 -1.79
N ARG A 11 4.03 1.89 -2.06
CA ARG A 11 3.05 2.14 -1.03
C ARG A 11 2.71 0.84 -0.30
N ARG A 12 2.94 -0.31 -0.95
CA ARG A 12 2.73 -1.60 -0.31
C ARG A 12 3.88 -1.90 0.64
N LEU A 13 5.08 -1.51 0.23
CA LEU A 13 6.24 -1.58 1.11
C LEU A 13 6.14 -0.53 2.20
N LEU A 14 5.40 0.55 1.91
CA LEU A 14 5.10 1.56 2.90
C LEU A 14 4.05 1.05 3.89
N CYS A 15 3.36 -0.01 3.50
CA CYS A 15 2.36 -0.64 4.35
C CYS A 15 3.03 -1.74 5.15
N PRO A 16 2.67 -1.86 6.43
CA PRO A 16 3.24 -2.89 7.29
C PRO A 16 2.74 -4.29 6.90
N LYS A 17 3.62 -5.27 7.04
CA LYS A 17 3.32 -6.65 6.65
C LYS A 17 2.08 -7.18 7.36
N SER A 18 1.79 -6.65 8.53
CA SER A 18 0.63 -7.05 9.30
C SER A 18 -0.67 -6.72 8.55
N CYS A 19 -0.56 -5.85 7.56
CA CYS A 19 -1.73 -5.44 6.77
C CYS A 19 -2.20 -6.60 5.90
N SER A 20 -1.25 -7.37 5.39
CA SER A 20 -1.56 -8.50 4.53
C SER A 20 -1.89 -9.74 5.37
N ILE A 21 -1.54 -9.70 6.65
CA ILE A 21 -1.71 -10.86 7.52
C ILE A 21 -2.95 -10.70 8.40
N GLU A 22 -2.96 -9.65 9.22
CA GLU A 22 -4.01 -9.45 10.21
C GLU A 22 -4.99 -8.37 9.75
N GLY A 23 -4.50 -7.45 8.95
CA GLY A 23 -5.31 -6.33 8.52
C GLY A 23 -5.07 -5.13 9.41
N GLY A 24 -6.11 -4.36 9.68
CA GLY A 24 -5.99 -3.21 10.56
C GLY A 24 -5.02 -2.20 10.01
N CYS A 25 -4.98 -2.08 8.69
CA CYS A 25 -4.02 -1.24 8.01
C CYS A 25 -4.31 0.24 8.29
N PRO A 26 -3.26 1.07 8.31
CA PRO A 26 -3.37 2.48 8.68
C PRO A 26 -3.95 3.32 7.56
N GLU A 27 -4.37 4.55 7.88
CA GLU A 27 -5.07 5.42 6.93
C GLU A 27 -4.28 5.57 5.63
N VAL A 28 -2.99 5.86 5.76
CA VAL A 28 -2.12 6.08 4.61
C VAL A 28 -2.10 4.86 3.68
N CYS A 29 -2.35 3.69 4.25
CA CYS A 29 -2.28 2.44 3.49
C CYS A 29 -3.59 2.20 2.73
N SER A 30 -4.66 2.84 3.16
CA SER A 30 -5.95 2.67 2.51
C SER A 30 -5.97 3.48 1.21
N HIS A 31 -5.43 4.69 1.28
CA HIS A 31 -5.28 5.53 0.10
C HIS A 31 -3.87 5.40 -0.46
N MET A 32 -3.37 4.18 -0.51
CA MET A 32 -2.03 3.91 -1.00
C MET A 32 -1.91 4.30 -2.47
N CYS A 33 -2.94 3.97 -3.24
CA CYS A 33 -3.00 4.34 -4.64
C CYS A 33 -4.46 4.49 -5.06
N PRO A 34 -5.07 5.64 -4.74
CA PRO A 34 -6.49 5.88 -4.99
C PRO A 34 -6.78 6.33 -6.42
N LEU A 35 -5.99 5.84 -7.36
CA LEU A 35 -6.16 6.19 -8.76
C LEU A 35 -5.58 5.08 -9.63
N SER A 1 5.72 3.88 -18.42
CA SER A 1 7.00 3.30 -17.96
C SER A 1 6.98 3.08 -16.45
N ASP A 2 6.27 2.03 -16.03
CA ASP A 2 6.17 1.66 -14.61
C ASP A 2 5.65 2.83 -13.78
N GLU A 3 4.52 3.38 -14.22
CA GLU A 3 3.95 4.56 -13.58
C GLU A 3 3.04 4.13 -12.44
N MET A 4 2.27 3.07 -12.67
CA MET A 4 1.42 2.52 -11.63
C MET A 4 2.30 1.78 -10.65
N TRP A 5 3.41 1.29 -11.18
CA TRP A 5 4.36 0.52 -10.43
C TRP A 5 4.95 1.34 -9.30
N PHE A 6 5.27 2.60 -9.60
CA PHE A 6 5.90 3.46 -8.62
C PHE A 6 4.94 3.77 -7.48
N CYS A 7 3.65 3.78 -7.77
CA CYS A 7 2.65 3.97 -6.73
C CYS A 7 2.48 2.68 -5.95
N GLU A 8 2.10 1.62 -6.66
CA GLU A 8 1.84 0.32 -6.06
C GLU A 8 2.99 -0.14 -5.19
N THR A 9 4.19 -0.18 -5.76
CA THR A 9 5.34 -0.73 -5.09
C THR A 9 5.75 0.07 -3.85
N LEU A 10 5.80 1.40 -3.97
CA LEU A 10 6.11 2.22 -2.81
C LEU A 10 5.11 1.95 -1.71
N ARG A 11 3.85 1.90 -2.11
CA ARG A 11 2.78 1.64 -1.16
C ARG A 11 2.87 0.23 -0.59
N ARG A 12 3.53 -0.68 -1.31
CA ARG A 12 3.73 -2.03 -0.80
C ARG A 12 4.82 -2.04 0.27
N LEU A 13 5.91 -1.34 0.02
CA LEU A 13 6.98 -1.22 1.01
C LEU A 13 6.61 -0.24 2.12
N LEU A 14 5.60 0.58 1.88
CA LEU A 14 5.12 1.53 2.89
C LEU A 14 3.91 0.99 3.64
N CYS A 15 3.52 -0.23 3.33
CA CYS A 15 2.41 -0.87 4.02
C CYS A 15 2.83 -2.17 4.66
N PRO A 16 2.44 -2.37 5.92
CA PRO A 16 2.67 -3.62 6.63
C PRO A 16 1.81 -4.74 6.05
N LYS A 17 2.44 -5.86 5.71
CA LYS A 17 1.71 -6.98 5.12
C LYS A 17 0.74 -7.57 6.13
N SER A 18 1.01 -7.30 7.41
CA SER A 18 0.13 -7.68 8.50
C SER A 18 -1.25 -7.04 8.33
N CYS A 19 -1.32 -5.99 7.51
CA CYS A 19 -2.57 -5.30 7.23
C CYS A 19 -3.59 -6.26 6.61
N SER A 20 -3.09 -7.18 5.80
CA SER A 20 -3.95 -8.13 5.10
C SER A 20 -4.22 -9.35 5.98
N ILE A 21 -3.47 -9.46 7.06
CA ILE A 21 -3.57 -10.64 7.93
C ILE A 21 -4.38 -10.33 9.19
N GLU A 22 -3.90 -9.38 9.97
CA GLU A 22 -4.55 -9.03 11.23
C GLU A 22 -5.12 -7.62 11.18
N GLY A 23 -4.51 -6.77 10.35
CA GLY A 23 -4.91 -5.38 10.27
C GLY A 23 -3.87 -4.48 10.90
N GLY A 24 -4.33 -3.47 11.63
CA GLY A 24 -3.42 -2.57 12.32
C GLY A 24 -2.71 -1.63 11.37
N CYS A 25 -3.31 -1.41 10.22
CA CYS A 25 -2.72 -0.53 9.21
C CYS A 25 -3.49 0.78 9.14
N PRO A 26 -2.80 1.88 8.84
CA PRO A 26 -3.41 3.21 8.82
C PRO A 26 -4.30 3.43 7.60
N GLU A 27 -5.12 4.47 7.66
CA GLU A 27 -6.05 4.79 6.58
C GLU A 27 -5.28 5.08 5.29
N VAL A 28 -4.09 5.64 5.42
CA VAL A 28 -3.24 5.92 4.26
C VAL A 28 -2.82 4.62 3.58
N CYS A 29 -2.93 3.51 4.31
CA CYS A 29 -2.60 2.20 3.77
C CYS A 29 -3.85 1.55 3.17
N SER A 30 -5.00 2.14 3.45
CA SER A 30 -6.26 1.66 2.88
C SER A 30 -6.46 2.33 1.53
N HIS A 31 -6.25 3.64 1.51
CA HIS A 31 -6.27 4.38 0.25
C HIS A 31 -4.85 4.55 -0.27
N MET A 32 -4.07 3.49 -0.15
CA MET A 32 -2.64 3.56 -0.46
C MET A 32 -2.40 3.89 -1.93
N CYS A 33 -3.08 3.20 -2.81
CA CYS A 33 -2.94 3.42 -4.24
C CYS A 33 -4.24 3.10 -4.97
N PRO A 34 -5.25 3.96 -4.84
CA PRO A 34 -6.52 3.81 -5.53
C PRO A 34 -6.56 4.58 -6.84
N LEU A 35 -5.39 4.71 -7.46
CA LEU A 35 -5.26 5.46 -8.69
C LEU A 35 -4.27 4.76 -9.61
N SER A 1 5.12 -0.88 -16.24
CA SER A 1 5.22 0.58 -16.10
C SER A 1 5.48 0.98 -14.65
N ASP A 2 6.34 1.98 -14.46
CA ASP A 2 6.72 2.41 -13.11
C ASP A 2 5.59 3.14 -12.42
N GLU A 3 4.54 3.45 -13.17
CA GLU A 3 3.41 4.19 -12.63
C GLU A 3 2.59 3.28 -11.73
N MET A 4 2.33 2.07 -12.19
CA MET A 4 1.61 1.10 -11.38
C MET A 4 2.58 0.51 -10.39
N TRP A 5 3.84 0.51 -10.79
CA TRP A 5 4.91 -0.03 -9.99
C TRP A 5 5.06 0.74 -8.69
N PHE A 6 5.17 2.06 -8.80
CA PHE A 6 5.36 2.90 -7.63
C PHE A 6 4.08 2.97 -6.79
N CYS A 7 2.95 2.66 -7.40
CA CYS A 7 1.68 2.64 -6.68
C CYS A 7 1.53 1.33 -5.90
N GLU A 8 1.91 0.23 -6.53
CA GLU A 8 1.78 -1.08 -5.91
C GLU A 8 3.01 -1.43 -5.07
N THR A 9 4.17 -1.44 -5.72
CA THR A 9 5.40 -1.94 -5.13
C THR A 9 5.85 -1.12 -3.91
N LEU A 10 5.81 0.21 -4.01
CA LEU A 10 6.21 1.06 -2.89
C LEU A 10 5.29 0.84 -1.70
N ARG A 11 4.00 0.77 -1.96
CA ARG A 11 3.01 0.68 -0.90
C ARG A 11 3.11 -0.61 -0.13
N ARG A 12 3.76 -1.61 -0.70
CA ARG A 12 4.00 -2.86 0.01
C ARG A 12 5.14 -2.68 1.01
N LEU A 13 6.01 -1.73 0.73
CA LEU A 13 7.13 -1.43 1.60
C LEU A 13 6.78 -0.28 2.56
N LEU A 14 6.04 0.70 2.07
CA LEU A 14 5.67 1.87 2.86
C LEU A 14 4.50 1.57 3.79
N CYS A 15 3.69 0.60 3.42
CA CYS A 15 2.55 0.19 4.24
C CYS A 15 2.85 -1.19 4.79
N PRO A 16 2.55 -1.43 6.07
CA PRO A 16 2.88 -2.70 6.74
C PRO A 16 2.30 -3.91 6.02
N LYS A 17 3.16 -4.87 5.69
CA LYS A 17 2.75 -6.08 4.98
C LYS A 17 1.75 -6.87 5.80
N SER A 18 1.73 -6.62 7.11
CA SER A 18 0.80 -7.26 8.01
C SER A 18 -0.64 -6.86 7.68
N CYS A 19 -0.78 -5.80 6.88
CA CYS A 19 -2.09 -5.33 6.46
C CYS A 19 -2.82 -6.40 5.66
N SER A 20 -2.09 -7.06 4.77
CA SER A 20 -2.66 -8.09 3.91
C SER A 20 -2.77 -9.43 4.65
N ILE A 21 -2.11 -9.52 5.80
CA ILE A 21 -2.09 -10.76 6.56
C ILE A 21 -3.13 -10.74 7.68
N GLU A 22 -2.99 -9.80 8.60
CA GLU A 22 -3.88 -9.72 9.74
C GLU A 22 -4.76 -8.47 9.67
N GLY A 23 -4.24 -7.43 9.04
CA GLY A 23 -4.98 -6.19 8.94
C GLY A 23 -4.43 -5.14 9.89
N GLY A 24 -5.28 -4.22 10.32
CA GLY A 24 -4.85 -3.19 11.24
C GLY A 24 -4.00 -2.15 10.56
N CYS A 25 -4.38 -1.81 9.35
CA CYS A 25 -3.60 -0.89 8.53
C CYS A 25 -3.96 0.55 8.84
N PRO A 26 -3.00 1.48 8.70
CA PRO A 26 -3.25 2.92 8.85
C PRO A 26 -4.15 3.43 7.73
N GLU A 27 -5.00 4.38 8.07
CA GLU A 27 -5.98 4.92 7.14
C GLU A 27 -5.31 5.52 5.90
N VAL A 28 -4.10 6.02 6.07
CA VAL A 28 -3.34 6.59 4.97
C VAL A 28 -3.02 5.53 3.91
N CYS A 29 -2.99 4.27 4.33
CA CYS A 29 -2.68 3.17 3.44
C CYS A 29 -3.88 2.87 2.53
N SER A 30 -5.05 3.33 2.93
CA SER A 30 -6.27 3.07 2.19
C SER A 30 -6.52 4.17 1.13
N HIS A 31 -5.89 5.32 1.30
CA HIS A 31 -6.12 6.43 0.39
C HIS A 31 -4.82 6.98 -0.18
N MET A 32 -3.91 6.08 -0.54
CA MET A 32 -2.67 6.50 -1.19
C MET A 32 -2.71 6.11 -2.66
N CYS A 33 -3.41 5.02 -2.95
CA CYS A 33 -3.65 4.58 -4.32
C CYS A 33 -5.13 4.32 -4.53
N PRO A 34 -5.93 5.39 -4.70
CA PRO A 34 -7.38 5.30 -4.80
C PRO A 34 -7.84 4.74 -6.15
N LEU A 35 -6.93 4.69 -7.11
CA LEU A 35 -7.24 4.16 -8.43
C LEU A 35 -6.25 3.05 -8.76
N SER A 1 2.97 1.50 -17.50
CA SER A 1 2.28 2.21 -16.40
C SER A 1 3.07 2.09 -15.09
N ASP A 2 4.37 2.35 -15.16
CA ASP A 2 5.24 2.19 -14.00
C ASP A 2 5.20 3.44 -13.11
N GLU A 3 4.37 4.40 -13.49
CA GLU A 3 4.24 5.62 -12.71
C GLU A 3 3.23 5.40 -11.59
N MET A 4 2.16 4.69 -11.90
CA MET A 4 1.16 4.34 -10.92
C MET A 4 1.68 3.17 -10.12
N TRP A 5 2.53 2.41 -10.79
CA TRP A 5 3.11 1.22 -10.22
C TRP A 5 4.07 1.57 -9.10
N PHE A 6 5.08 2.36 -9.41
CA PHE A 6 6.16 2.63 -8.48
C PHE A 6 5.65 3.21 -7.17
N CYS A 7 4.72 4.16 -7.24
CA CYS A 7 4.23 4.82 -6.05
C CYS A 7 3.42 3.83 -5.22
N GLU A 8 2.44 3.21 -5.86
CA GLU A 8 1.61 2.22 -5.19
C GLU A 8 2.43 1.09 -4.61
N THR A 9 3.37 0.57 -5.39
CA THR A 9 4.20 -0.53 -4.93
C THR A 9 5.03 -0.12 -3.72
N LEU A 10 5.60 1.08 -3.73
CA LEU A 10 6.31 1.58 -2.55
C LEU A 10 5.34 1.63 -1.37
N ARG A 11 4.14 2.11 -1.65
CA ARG A 11 3.10 2.22 -0.63
C ARG A 11 2.67 0.85 -0.15
N ARG A 12 2.82 -0.17 -1.01
CA ARG A 12 2.44 -1.53 -0.66
C ARG A 12 3.56 -2.20 0.12
N LEU A 13 4.80 -1.92 -0.29
CA LEU A 13 5.97 -2.44 0.43
C LEU A 13 6.05 -1.85 1.82
N LEU A 14 5.72 -0.56 1.94
CA LEU A 14 5.72 0.13 3.22
C LEU A 14 4.39 -0.09 3.95
N CYS A 15 3.52 -0.87 3.34
CA CYS A 15 2.25 -1.22 3.96
C CYS A 15 2.41 -2.55 4.67
N PRO A 16 1.96 -2.65 5.93
CA PRO A 16 2.14 -3.87 6.72
C PRO A 16 1.30 -5.02 6.22
N LYS A 17 1.97 -6.11 5.88
CA LYS A 17 1.30 -7.33 5.46
C LYS A 17 0.73 -8.03 6.69
N SER A 18 1.22 -7.60 7.85
CA SER A 18 0.83 -8.17 9.12
C SER A 18 -0.58 -7.72 9.50
N CYS A 19 -1.12 -6.78 8.72
CA CYS A 19 -2.47 -6.28 8.98
C CYS A 19 -3.50 -7.37 8.69
N SER A 20 -3.13 -8.29 7.81
CA SER A 20 -3.97 -9.43 7.51
C SER A 20 -3.99 -10.41 8.69
N ILE A 21 -2.90 -10.38 9.45
CA ILE A 21 -2.74 -11.28 10.58
C ILE A 21 -3.34 -10.67 11.85
N GLU A 22 -2.79 -9.53 12.26
CA GLU A 22 -3.22 -8.86 13.48
C GLU A 22 -3.89 -7.53 13.18
N GLY A 23 -3.32 -6.77 12.25
CA GLY A 23 -3.84 -5.47 11.92
C GLY A 23 -2.76 -4.42 11.87
N GLY A 24 -3.13 -3.16 12.01
CA GLY A 24 -2.15 -2.10 12.12
C GLY A 24 -1.89 -1.36 10.82
N CYS A 25 -2.69 -1.64 9.79
CA CYS A 25 -2.52 -0.94 8.53
C CYS A 25 -3.42 0.29 8.47
N PRO A 26 -2.90 1.38 7.91
CA PRO A 26 -3.67 2.60 7.70
C PRO A 26 -4.55 2.49 6.47
N GLU A 27 -5.73 3.09 6.55
CA GLU A 27 -6.74 2.99 5.49
C GLU A 27 -6.23 3.57 4.17
N VAL A 28 -5.18 4.38 4.26
CA VAL A 28 -4.58 4.99 3.09
C VAL A 28 -3.80 3.97 2.26
N CYS A 29 -3.43 2.85 2.88
CA CYS A 29 -2.65 1.81 2.19
C CYS A 29 -3.35 1.33 0.93
N SER A 30 -4.67 1.28 0.98
CA SER A 30 -5.47 0.77 -0.11
C SER A 30 -5.60 1.78 -1.26
N HIS A 31 -5.51 3.06 -0.94
CA HIS A 31 -5.76 4.11 -1.93
C HIS A 31 -4.79 5.28 -1.80
N MET A 32 -3.51 4.97 -1.62
CA MET A 32 -2.53 6.02 -1.37
C MET A 32 -2.16 6.74 -2.67
N CYS A 33 -1.94 5.97 -3.73
CA CYS A 33 -1.56 6.55 -5.02
C CYS A 33 -2.48 6.08 -6.14
N PRO A 34 -3.74 6.55 -6.15
CA PRO A 34 -4.70 6.21 -7.19
C PRO A 34 -4.67 7.19 -8.36
N LEU A 35 -3.46 7.55 -8.79
CA LEU A 35 -3.28 8.51 -9.87
C LEU A 35 -3.16 7.80 -11.22
N SER A 1 6.52 2.44 -18.34
CA SER A 1 5.31 1.99 -17.63
C SER A 1 5.64 1.62 -16.17
N ASP A 2 5.78 2.64 -15.33
CA ASP A 2 6.07 2.42 -13.92
C ASP A 2 5.25 3.38 -13.05
N GLU A 3 4.10 3.78 -13.57
CA GLU A 3 3.22 4.70 -12.87
C GLU A 3 2.30 3.94 -11.94
N MET A 4 1.74 2.84 -12.44
CA MET A 4 0.89 1.99 -11.62
C MET A 4 1.78 1.32 -10.61
N TRP A 5 3.01 1.09 -11.05
CA TRP A 5 4.04 0.50 -10.24
C TRP A 5 4.30 1.38 -9.03
N PHE A 6 4.49 2.66 -9.27
CA PHE A 6 4.83 3.61 -8.21
C PHE A 6 3.73 3.69 -7.15
N CYS A 7 2.52 3.26 -7.48
CA CYS A 7 1.43 3.30 -6.55
C CYS A 7 1.48 2.05 -5.68
N GLU A 8 1.53 0.91 -6.35
CA GLU A 8 1.52 -0.37 -5.67
C GLU A 8 2.81 -0.60 -4.88
N THR A 9 3.93 -0.16 -5.43
CA THR A 9 5.23 -0.32 -4.80
C THR A 9 5.28 0.46 -3.48
N LEU A 10 4.80 1.70 -3.49
CA LEU A 10 4.73 2.48 -2.26
C LEU A 10 3.84 1.78 -1.25
N ARG A 11 2.71 1.27 -1.73
CA ARG A 11 1.77 0.56 -0.87
C ARG A 11 2.38 -0.70 -0.30
N ARG A 12 3.38 -1.26 -0.97
CA ARG A 12 4.05 -2.47 -0.48
C ARG A 12 5.19 -2.12 0.46
N LEU A 13 5.90 -1.04 0.16
CA LEU A 13 7.09 -0.67 0.92
C LEU A 13 6.74 0.08 2.21
N LEU A 14 5.76 0.95 2.14
CA LEU A 14 5.41 1.80 3.27
C LEU A 14 4.35 1.15 4.15
N CYS A 15 3.63 0.20 3.59
CA CYS A 15 2.55 -0.48 4.30
C CYS A 15 2.98 -1.88 4.73
N PRO A 16 2.67 -2.25 5.97
CA PRO A 16 3.00 -3.58 6.49
C PRO A 16 2.04 -4.64 5.98
N LYS A 17 2.57 -5.67 5.33
CA LYS A 17 1.76 -6.75 4.79
C LYS A 17 1.02 -7.48 5.90
N SER A 18 1.60 -7.46 7.10
CA SER A 18 1.04 -8.15 8.24
C SER A 18 -0.27 -7.50 8.68
N CYS A 19 -0.55 -6.29 8.21
CA CYS A 19 -1.77 -5.59 8.58
C CYS A 19 -2.98 -6.30 7.97
N SER A 20 -2.74 -6.99 6.86
CA SER A 20 -3.80 -7.74 6.20
C SER A 20 -4.03 -9.07 6.91
N ILE A 21 -3.11 -9.41 7.81
CA ILE A 21 -3.22 -10.66 8.57
C ILE A 21 -3.71 -10.37 9.99
N GLU A 22 -2.98 -9.52 10.70
CA GLU A 22 -3.28 -9.21 12.09
C GLU A 22 -4.43 -8.21 12.19
N GLY A 23 -4.60 -7.43 11.14
CA GLY A 23 -5.58 -6.36 11.17
C GLY A 23 -4.96 -5.06 11.62
N GLY A 24 -5.71 -3.98 11.58
CA GLY A 24 -5.22 -2.70 12.06
C GLY A 24 -4.32 -2.03 11.05
N CYS A 25 -4.68 -2.12 9.78
CA CYS A 25 -3.92 -1.49 8.71
C CYS A 25 -4.28 -0.01 8.64
N PRO A 26 -3.33 0.84 8.23
CA PRO A 26 -3.58 2.26 8.08
C PRO A 26 -4.20 2.56 6.72
N GLU A 27 -5.12 3.52 6.70
CA GLU A 27 -5.89 3.84 5.50
C GLU A 27 -4.97 4.34 4.39
N VAL A 28 -3.82 4.89 4.77
CA VAL A 28 -2.84 5.36 3.81
C VAL A 28 -2.27 4.19 2.99
N CYS A 29 -2.40 2.99 3.52
CA CYS A 29 -1.93 1.79 2.84
C CYS A 29 -2.68 1.59 1.53
N SER A 30 -3.93 2.03 1.51
CA SER A 30 -4.76 1.87 0.33
C SER A 30 -4.73 3.12 -0.53
N HIS A 31 -4.91 4.28 0.10
CA HIS A 31 -5.02 5.53 -0.65
C HIS A 31 -3.69 6.26 -0.76
N MET A 32 -2.59 5.52 -0.75
CA MET A 32 -1.29 6.12 -1.03
C MET A 32 -1.27 6.59 -2.47
N CYS A 33 -1.82 5.75 -3.33
CA CYS A 33 -2.10 6.12 -4.71
C CYS A 33 -3.27 5.28 -5.22
N PRO A 34 -4.49 5.74 -4.98
CA PRO A 34 -5.70 5.05 -5.44
C PRO A 34 -6.11 5.50 -6.83
N LEU A 35 -5.12 5.67 -7.71
CA LEU A 35 -5.37 6.08 -9.09
C LEU A 35 -5.20 4.91 -10.02
N SER A 1 4.35 1.69 -18.48
CA SER A 1 3.66 2.45 -17.41
C SER A 1 4.60 2.76 -16.25
N ASP A 2 4.81 1.76 -15.38
CA ASP A 2 5.63 1.91 -14.16
C ASP A 2 4.95 2.87 -13.17
N GLU A 3 3.77 3.34 -13.54
CA GLU A 3 3.04 4.30 -12.72
C GLU A 3 2.07 3.56 -11.81
N MET A 4 1.53 2.47 -12.32
CA MET A 4 0.67 1.62 -11.51
C MET A 4 1.56 0.90 -10.52
N TRP A 5 2.77 0.63 -11.00
CA TRP A 5 3.77 -0.07 -10.24
C TRP A 5 4.16 0.72 -9.01
N PHE A 6 4.57 1.97 -9.22
CA PHE A 6 5.07 2.78 -8.12
C PHE A 6 3.99 3.06 -7.08
N CYS A 7 2.73 2.94 -7.45
CA CYS A 7 1.67 3.14 -6.50
C CYS A 7 1.54 1.90 -5.65
N GLU A 8 1.31 0.77 -6.31
CA GLU A 8 1.03 -0.49 -5.65
C GLU A 8 2.26 -0.97 -4.86
N THR A 9 3.44 -0.72 -5.39
CA THR A 9 4.66 -1.16 -4.76
C THR A 9 4.97 -0.36 -3.49
N LEU A 10 4.84 0.96 -3.57
CA LEU A 10 5.05 1.79 -2.39
C LEU A 10 3.98 1.47 -1.35
N ARG A 11 2.80 1.09 -1.84
CA ARG A 11 1.73 0.63 -0.96
C ARG A 11 2.15 -0.63 -0.20
N ARG A 12 3.17 -1.32 -0.71
CA ARG A 12 3.69 -2.49 -0.02
C ARG A 12 4.75 -2.08 0.99
N LEU A 13 5.76 -1.36 0.54
CA LEU A 13 6.87 -0.96 1.41
C LEU A 13 6.41 -0.01 2.52
N LEU A 14 5.50 0.91 2.19
CA LEU A 14 5.06 1.92 3.15
C LEU A 14 3.90 1.42 4.00
N CYS A 15 3.53 0.16 3.83
CA CYS A 15 2.43 -0.42 4.59
C CYS A 15 2.92 -1.66 5.33
N PRO A 16 2.53 -1.83 6.60
CA PRO A 16 2.93 -2.97 7.42
C PRO A 16 2.47 -4.30 6.81
N LYS A 17 3.40 -5.25 6.70
CA LYS A 17 3.10 -6.53 6.08
C LYS A 17 2.14 -7.35 6.94
N SER A 18 2.03 -6.96 8.20
CA SER A 18 1.09 -7.57 9.12
C SER A 18 -0.34 -7.24 8.71
N CYS A 19 -0.48 -6.25 7.84
CA CYS A 19 -1.79 -5.82 7.34
C CYS A 19 -2.51 -6.97 6.64
N SER A 20 -1.75 -7.79 5.90
CA SER A 20 -2.33 -8.88 5.13
C SER A 20 -2.55 -10.11 6.00
N ILE A 21 -1.92 -10.14 7.16
CA ILE A 21 -1.99 -11.29 8.04
C ILE A 21 -2.97 -11.04 9.20
N GLU A 22 -2.66 -10.06 10.01
CA GLU A 22 -3.48 -9.71 11.16
C GLU A 22 -4.44 -8.58 10.83
N GLY A 23 -3.95 -7.59 10.12
CA GLY A 23 -4.74 -6.44 9.78
C GLY A 23 -4.22 -5.19 10.44
N GLY A 24 -5.12 -4.34 10.91
CA GLY A 24 -4.72 -3.11 11.56
C GLY A 24 -4.04 -2.17 10.61
N CYS A 25 -4.56 -2.11 9.39
CA CYS A 25 -3.97 -1.29 8.36
C CYS A 25 -4.48 0.14 8.46
N PRO A 26 -3.62 1.11 8.13
CA PRO A 26 -3.99 2.52 8.13
C PRO A 26 -4.65 2.92 6.81
N GLU A 27 -5.54 3.91 6.89
CA GLU A 27 -6.30 4.37 5.74
C GLU A 27 -5.38 4.89 4.65
N VAL A 28 -4.22 5.42 5.04
CA VAL A 28 -3.25 5.91 4.08
C VAL A 28 -2.68 4.78 3.23
N CYS A 29 -2.75 3.56 3.75
CA CYS A 29 -2.22 2.39 3.04
C CYS A 29 -3.09 2.08 1.82
N SER A 30 -4.34 2.56 1.84
CA SER A 30 -5.27 2.30 0.75
C SER A 30 -5.21 3.43 -0.28
N HIS A 31 -5.01 4.66 0.20
CA HIS A 31 -5.00 5.82 -0.68
C HIS A 31 -3.66 6.53 -0.67
N MET A 32 -2.58 5.76 -0.65
CA MET A 32 -1.23 6.34 -0.62
C MET A 32 -0.88 6.87 -2.00
N CYS A 33 -1.19 6.10 -3.03
CA CYS A 33 -0.92 6.48 -4.40
C CYS A 33 -2.14 6.15 -5.24
N PRO A 34 -3.17 7.03 -5.22
CA PRO A 34 -4.43 6.78 -5.91
C PRO A 34 -4.31 6.92 -7.43
N LEU A 35 -5.27 6.34 -8.13
CA LEU A 35 -5.30 6.38 -9.58
C LEU A 35 -6.75 6.34 -10.06
#